data_5QTX
#
_entry.id   5QTX
#
_cell.length_a   78.850
_cell.length_b   78.850
_cell.length_c   105.880
_cell.angle_alpha   90.000
_cell.angle_beta   90.000
_cell.angle_gamma   120.000
#
_symmetry.space_group_name_H-M   'P 32 2 1'
#
loop_
_entity.id
_entity.type
_entity.pdbx_description
1 polymer 'Coagulation factor XI'
2 polymer 'Coagulation factor XI'
3 non-polymer 'ethyl (2R,7S)-7-({(2E)-3-[5-chloro-2-(1H-tetrazol-1-yl)phenyl]prop-2-enoyl}amino)-14-[(methoxycarbonyl)amino]-1,2,3,4,5,6,7,9-octahydro-11,8-(azeno)-1,9-benzodiazacyclotridecine-2-carboxylate'
4 non-polymer 'SULFATE ION'
5 non-polymer 1,2-ETHANEDIOL
6 water water
#
loop_
_entity_poly.entity_id
_entity_poly.type
_entity_poly.pdbx_seq_one_letter_code
_entity_poly.pdbx_strand_id
1 'polypeptide(L)'
;IVGGTASVRGEWPWQVTLHTTSPTQRHLCGGSIIGNQWILTAAHCFYGVESPKILRVYSGILNQSEIKEDTSFFGVQEII
IHDQYKMAESGYDIALLKLETTVGYGDSQRPICLPSKGDRNVIYTDCWVTGWGYRKLRDKIQNTLQKAKIPLVTNEECQK
RYRGHKITHKMICAGYREGGKDACKGDSGGPLSCKHNEVWHLVGITSWGEGCAQRERPGVYTNVVEYVDWILEKTQAVHH
HHHH
;
A
2 'polypeptide(L)' MDDDDKMDNECTTKIKPR H
#
# COMPACT_ATOMS: atom_id res chain seq x y z
N ILE A 1 -8.94 1.32 7.96
CA ILE A 1 -9.83 0.48 7.16
C ILE A 1 -11.23 0.61 7.75
N VAL A 2 -12.21 0.92 6.89
CA VAL A 2 -13.62 1.05 7.27
C VAL A 2 -14.31 -0.31 6.96
N GLY A 3 -15.13 -0.79 7.90
CA GLY A 3 -15.92 -2.02 7.74
C GLY A 3 -15.08 -3.28 7.61
N GLY A 4 -13.89 -3.26 8.20
CA GLY A 4 -13.03 -4.42 8.11
C GLY A 4 -13.06 -5.24 9.38
N THR A 5 -12.19 -6.26 9.45
CA THR A 5 -12.05 -7.09 10.64
C THR A 5 -10.56 -7.27 10.93
N ALA A 6 -10.26 -7.70 12.14
CA ALA A 6 -8.92 -7.96 12.60
C ALA A 6 -8.28 -9.02 11.72
N SER A 7 -7.03 -8.78 11.28
CA SER A 7 -6.27 -9.78 10.56
C SER A 7 -5.73 -10.77 11.59
N VAL A 8 -5.30 -11.94 11.15
CA VAL A 8 -4.64 -12.89 12.04
C VAL A 8 -3.13 -12.73 11.80
N ARG A 9 -2.30 -13.07 12.78
CA ARG A 9 -0.86 -12.94 12.59
C ARG A 9 -0.37 -13.79 11.41
N GLY A 10 0.47 -13.20 10.56
CA GLY A 10 1.06 -13.86 9.39
C GLY A 10 0.19 -13.90 8.16
N GLU A 11 -1.05 -13.36 8.25
CA GLU A 11 -1.97 -13.33 7.14
C GLU A 11 -1.50 -12.45 5.94
N TRP A 12 -0.84 -11.31 6.23
CA TRP A 12 -0.41 -10.36 5.15
C TRP A 12 1.08 -10.11 5.40
N PRO A 13 1.97 -11.14 5.23
CA PRO A 13 3.36 -10.98 5.68
C PRO A 13 4.21 -9.96 4.90
N TRP A 14 3.69 -9.44 3.79
CA TRP A 14 4.37 -8.39 3.01
C TRP A 14 3.98 -7.00 3.57
N GLN A 15 2.92 -6.92 4.40
CA GLN A 15 2.48 -5.64 4.97
C GLN A 15 3.47 -5.09 5.97
N VAL A 16 3.90 -3.83 5.81
CA VAL A 16 4.77 -3.19 6.79
C VAL A 16 4.07 -1.93 7.34
N THR A 17 4.55 -1.45 8.48
CA THR A 17 4.14 -0.16 9.03
C THR A 17 5.37 0.72 8.95
N LEU A 18 5.25 1.83 8.21
CA LEU A 18 6.35 2.79 8.08
C LEU A 18 6.11 3.88 9.11
N HIS A 19 7.12 4.11 9.97
CA HIS A 19 7.04 5.11 11.01
C HIS A 19 7.97 6.27 10.71
N THR A 20 7.61 7.45 11.19
CA THR A 20 8.50 8.60 11.16
C THR A 20 8.90 8.83 12.63
N THR A 21 10.12 9.32 12.92
CA THR A 21 10.51 9.66 14.32
C THR A 21 10.38 11.17 14.56
N SER A 22 10.05 11.97 13.53
CA SER A 22 9.94 13.43 13.60
C SER A 22 8.51 13.98 13.60
N PRO A 23 8.11 14.82 14.59
CA PRO A 23 8.88 15.26 15.78
C PRO A 23 8.97 14.17 16.85
N THR A 24 7.96 13.26 16.89
CA THR A 24 7.92 12.10 17.80
C THR A 24 7.60 10.87 16.95
N GLN A 25 7.85 9.67 17.47
CA GLN A 25 7.63 8.47 16.67
C GLN A 25 6.17 8.11 16.52
N ARG A 26 5.73 7.97 15.26
CA ARG A 26 4.38 7.52 14.99
C ARG A 26 4.26 6.86 13.62
N HIS A 27 3.21 6.03 13.45
CA HIS A 27 2.90 5.39 12.19
C HIS A 27 2.68 6.53 11.14
N LEU A 28 3.31 6.38 9.96
CA LEU A 28 3.20 7.34 8.86
C LEU A 28 2.34 6.76 7.73
N CYS A 29 2.66 5.55 7.28
CA CYS A 29 2.00 4.93 6.14
C CYS A 29 2.15 3.43 6.17
N GLY A 30 1.40 2.75 5.31
CA GLY A 30 1.58 1.32 5.07
C GLY A 30 2.60 1.17 3.95
N GLY A 31 3.00 -0.06 3.71
CA GLY A 31 3.92 -0.40 2.63
C GLY A 31 3.92 -1.88 2.41
N SER A 32 4.54 -2.34 1.31
CA SER A 32 4.65 -3.76 1.00
C SER A 32 6.07 -4.18 0.72
N ILE A 33 6.48 -5.33 1.25
CA ILE A 33 7.80 -5.90 0.95
C ILE A 33 7.69 -6.48 -0.47
N ILE A 34 8.56 -6.03 -1.38
CA ILE A 34 8.56 -6.57 -2.75
C ILE A 34 9.91 -7.24 -3.11
N GLY A 35 10.92 -7.03 -2.28
CA GLY A 35 12.28 -7.53 -2.49
C GLY A 35 12.99 -7.51 -1.16
N ASN A 36 14.19 -8.12 -1.04
CA ASN A 36 14.78 -8.22 0.30
C ASN A 36 15.38 -6.91 0.81
N GLN A 37 15.40 -5.85 0.00
CA GLN A 37 15.80 -4.56 0.57
C GLN A 37 14.83 -3.49 0.05
N TRP A 38 13.63 -3.91 -0.36
CA TRP A 38 12.70 -3.02 -1.04
C TRP A 38 11.29 -3.00 -0.51
N ILE A 39 10.81 -1.80 -0.23
CA ILE A 39 9.42 -1.54 0.19
C ILE A 39 8.76 -0.71 -0.90
N LEU A 40 7.56 -1.13 -1.33
CA LEU A 40 6.79 -0.33 -2.28
C LEU A 40 5.69 0.37 -1.47
N THR A 41 5.52 1.67 -1.69
CA THR A 41 4.57 2.50 -0.93
C THR A 41 4.11 3.68 -1.80
N ALA A 42 3.38 4.65 -1.21
CA ALA A 42 2.87 5.79 -1.96
C ALA A 42 3.81 6.98 -1.84
N ALA A 43 4.02 7.67 -2.96
CA ALA A 43 4.85 8.89 -2.99
C ALA A 43 4.33 9.98 -2.03
N HIS A 44 2.99 10.12 -1.87
CA HIS A 44 2.43 11.21 -1.03
C HIS A 44 2.79 11.09 0.45
N CYS A 45 3.20 9.89 0.89
CA CYS A 45 3.64 9.65 2.27
C CYS A 45 4.85 10.51 2.67
N PHE A 46 5.65 10.97 1.68
CA PHE A 46 6.88 11.68 1.96
C PHE A 46 6.75 13.20 1.85
N TYR A 47 5.50 13.72 1.82
CA TYR A 47 5.27 15.15 1.79
C TYR A 47 5.99 15.76 3.01
N GLY A 48 6.90 16.69 2.77
CA GLY A 48 7.66 17.30 3.88
C GLY A 48 8.74 16.43 4.53
N VAL A 49 8.87 15.11 4.15
CA VAL A 49 9.92 14.23 4.71
C VAL A 49 11.18 14.67 3.99
N GLU A 50 12.08 15.30 4.74
CA GLU A 50 13.31 15.87 4.18
C GLU A 50 14.49 14.91 4.09
N SER A 51 14.41 13.78 4.82
CA SER A 51 15.50 12.82 4.87
C SER A 51 15.00 11.40 5.18
N PRO A 52 15.69 10.35 4.67
CA PRO A 52 15.28 8.97 5.02
C PRO A 52 15.71 8.59 6.44
N LYS A 53 16.51 9.43 7.11
CA LYS A 53 17.04 9.20 8.47
C LYS A 53 15.96 9.18 9.54
N ILE A 54 14.81 9.82 9.28
CA ILE A 54 13.70 9.86 10.23
C ILE A 54 12.75 8.66 10.07
N LEU A 55 13.01 7.77 9.10
CA LEU A 55 12.13 6.65 8.78
C LEU A 55 12.53 5.33 9.42
N ARG A 56 11.52 4.55 9.84
CA ARG A 56 11.72 3.21 10.40
C ARG A 56 10.66 2.28 9.80
N VAL A 57 11.13 1.19 9.21
CA VAL A 57 10.22 0.21 8.62
C VAL A 57 10.12 -0.96 9.58
N TYR A 58 8.89 -1.29 10.02
CA TYR A 58 8.67 -2.46 10.87
C TYR A 58 7.92 -3.51 10.08
N SER A 59 8.48 -4.72 10.03
CA SER A 59 7.85 -5.84 9.34
C SER A 59 7.46 -6.88 10.40
N GLY A 60 6.64 -7.86 10.02
CA GLY A 60 6.22 -8.92 10.95
C GLY A 60 5.39 -8.40 12.12
N ILE A 61 4.66 -7.31 11.89
CA ILE A 61 3.85 -6.69 12.94
C ILE A 61 2.37 -6.99 12.72
N LEU A 62 1.67 -7.42 13.76
CA LEU A 62 0.22 -7.52 13.70
C LEU A 62 -0.34 -6.28 14.45
N ASN A 63 0.15 -6.07 15.69
CA ASN A 63 -0.30 -5.01 16.58
C ASN A 63 0.71 -3.91 16.73
N GLN A 64 0.27 -2.65 16.60
CA GLN A 64 1.17 -1.50 16.78
C GLN A 64 1.83 -1.54 18.19
N SER A 65 1.16 -2.16 19.21
CA SER A 65 1.70 -2.28 20.57
C SER A 65 2.96 -3.17 20.63
N GLU A 66 3.27 -3.93 19.54
CA GLU A 66 4.50 -4.72 19.46
C GLU A 66 5.70 -3.78 19.29
N ILE A 67 5.45 -2.52 18.91
CA ILE A 67 6.51 -1.54 18.65
C ILE A 67 6.82 -0.69 19.87
N LYS A 68 8.04 -0.84 20.40
CA LYS A 68 8.55 -0.06 21.52
C LYS A 68 9.96 0.35 21.13
N GLU A 69 10.68 1.07 22.01
CA GLU A 69 12.06 1.50 21.71
C GLU A 69 13.00 0.32 21.42
N ASP A 70 12.76 -0.85 22.02
CA ASP A 70 13.64 -2.02 21.85
C ASP A 70 13.23 -2.92 20.65
N THR A 71 12.20 -2.51 19.87
CA THR A 71 11.71 -3.30 18.71
C THR A 71 12.62 -3.07 17.51
N SER A 72 13.07 -4.18 16.86
CA SER A 72 13.93 -4.06 15.69
CA SER A 72 13.93 -4.06 15.68
C SER A 72 13.13 -3.53 14.51
N PHE A 73 13.78 -2.74 13.65
CA PHE A 73 13.19 -2.13 12.46
C PHE A 73 14.28 -2.11 11.38
N PHE A 74 13.90 -1.72 10.16
CA PHE A 74 14.84 -1.53 9.06
C PHE A 74 15.00 -0.04 8.84
N GLY A 75 16.25 0.41 8.77
CA GLY A 75 16.53 1.80 8.43
C GLY A 75 16.32 1.95 6.93
N VAL A 76 16.10 3.18 6.46
CA VAL A 76 15.91 3.45 5.04
C VAL A 76 17.17 4.18 4.52
N GLN A 77 17.80 3.61 3.50
CA GLN A 77 18.98 4.14 2.86
C GLN A 77 18.55 5.22 1.85
N GLU A 78 17.44 4.98 1.14
CA GLU A 78 17.03 5.89 0.09
C GLU A 78 15.52 5.85 -0.15
N ILE A 79 14.94 7.03 -0.45
CA ILE A 79 13.54 7.23 -0.84
C ILE A 79 13.54 7.52 -2.35
N ILE A 80 12.86 6.70 -3.14
CA ILE A 80 12.80 6.89 -4.59
C ILE A 80 11.37 7.19 -4.93
N ILE A 81 11.08 8.42 -5.30
CA ILE A 81 9.73 8.84 -5.68
C ILE A 81 9.70 8.93 -7.20
N HIS A 82 8.61 8.46 -7.83
CA HIS A 82 8.44 8.57 -9.28
C HIS A 82 8.65 10.03 -9.71
N ASP A 83 9.48 10.27 -10.75
CA ASP A 83 9.80 11.59 -11.33
C ASP A 83 8.59 12.40 -11.73
N GLN A 84 7.54 11.73 -12.17
CA GLN A 84 6.35 12.42 -12.67
C GLN A 84 5.33 12.73 -11.57
N TYR A 85 5.59 12.26 -10.34
CA TYR A 85 4.66 12.50 -9.24
C TYR A 85 4.54 13.98 -8.86
N LYS A 86 3.29 14.49 -8.76
CA LYS A 86 2.98 15.85 -8.28
C LYS A 86 2.06 15.70 -7.05
N MET A 87 1.02 14.88 -7.16
CA MET A 87 0.05 14.68 -6.08
C MET A 87 -0.70 13.40 -6.29
N ALA A 88 -1.27 12.83 -5.21
CA ALA A 88 -2.03 11.56 -5.27
C ALA A 88 -3.13 11.58 -6.34
N GLU A 89 -3.93 12.66 -6.36
CA GLU A 89 -5.06 12.79 -7.30
C GLU A 89 -4.66 12.84 -8.77
N SER A 90 -3.39 13.17 -9.10
CA SER A 90 -2.93 13.19 -10.49
C SER A 90 -2.15 11.91 -10.88
N GLY A 91 -2.04 10.94 -9.98
CA GLY A 91 -1.35 9.69 -10.32
C GLY A 91 0.14 9.71 -10.04
N TYR A 92 0.85 8.66 -10.54
CA TYR A 92 2.28 8.42 -10.30
C TYR A 92 2.54 8.36 -8.80
N ASP A 93 1.50 7.94 -8.02
CA ASP A 93 1.64 7.91 -6.56
C ASP A 93 2.32 6.63 -6.15
N ILE A 94 3.63 6.60 -6.36
CA ILE A 94 4.41 5.41 -6.10
C ILE A 94 5.82 5.80 -5.67
N ALA A 95 6.34 5.04 -4.70
CA ALA A 95 7.68 5.28 -4.20
C ALA A 95 8.26 3.96 -3.75
N LEU A 96 9.59 3.88 -3.75
CA LEU A 96 10.32 2.73 -3.25
C LEU A 96 11.19 3.18 -2.10
N LEU A 97 11.35 2.33 -1.10
CA LEU A 97 12.28 2.58 -0.01
C LEU A 97 13.34 1.52 -0.15
N LYS A 98 14.60 1.95 -0.27
CA LYS A 98 15.73 1.03 -0.30
C LYS A 98 16.17 0.91 1.14
N LEU A 99 16.11 -0.31 1.68
CA LEU A 99 16.43 -0.52 3.09
C LEU A 99 17.93 -0.59 3.33
N GLU A 100 18.39 -0.16 4.51
CA GLU A 100 19.81 -0.17 4.90
C GLU A 100 20.37 -1.58 5.04
N THR A 101 19.53 -2.53 5.44
CA THR A 101 19.91 -3.96 5.58
C THR A 101 18.85 -4.81 4.88
N THR A 102 19.11 -6.12 4.71
CA THR A 102 18.17 -7.01 4.05
C THR A 102 17.19 -7.68 5.02
N VAL A 103 15.97 -7.93 4.52
CA VAL A 103 14.91 -8.60 5.27
C VAL A 103 15.20 -10.08 5.15
N GLY A 104 15.24 -10.78 6.28
CA GLY A 104 15.37 -12.23 6.28
C GLY A 104 13.95 -12.76 6.16
N TYR A 105 13.66 -13.46 5.07
CA TYR A 105 12.33 -14.00 4.81
C TYR A 105 11.98 -15.16 5.75
N GLY A 106 10.71 -15.21 6.13
CA GLY A 106 10.16 -16.27 6.96
C GLY A 106 8.67 -16.15 6.94
N ASP A 107 7.99 -16.96 7.77
CA ASP A 107 6.53 -17.01 7.88
C ASP A 107 5.91 -15.67 8.40
N SER A 108 6.69 -14.79 9.05
CA SER A 108 6.17 -13.47 9.49
C SER A 108 6.44 -12.33 8.52
N GLN A 109 7.37 -12.49 7.58
CA GLN A 109 7.76 -11.41 6.68
C GLN A 109 8.32 -11.97 5.40
N ARG A 110 7.61 -11.73 4.31
CA ARG A 110 8.03 -12.23 3.00
C ARG A 110 7.45 -11.33 1.90
N PRO A 111 7.98 -11.40 0.65
CA PRO A 111 7.51 -10.46 -0.38
C PRO A 111 6.22 -10.87 -1.05
N ILE A 112 5.51 -9.88 -1.61
CA ILE A 112 4.32 -10.16 -2.40
C ILE A 112 4.78 -10.04 -3.85
N CYS A 113 4.29 -10.94 -4.73
CA CYS A 113 4.59 -10.91 -6.16
C CYS A 113 4.01 -9.64 -6.79
N LEU A 114 4.75 -9.08 -7.70
CA LEU A 114 4.25 -7.96 -8.49
C LEU A 114 3.32 -8.54 -9.55
N PRO A 115 2.35 -7.80 -10.12
CA PRO A 115 1.53 -8.38 -11.19
C PRO A 115 2.37 -8.64 -12.45
N SER A 116 1.94 -9.62 -13.25
CA SER A 116 2.61 -9.91 -14.52
C SER A 116 1.99 -9.03 -15.61
N LYS A 117 2.81 -8.62 -16.61
CA LYS A 117 2.41 -7.80 -17.77
C LYS A 117 1.26 -8.48 -18.56
N GLY A 118 1.33 -9.81 -18.66
CA GLY A 118 0.32 -10.63 -19.32
C GLY A 118 -0.98 -10.70 -18.54
N ASP A 119 -0.90 -10.47 -17.21
CA ASP A 119 -2.03 -10.47 -16.29
C ASP A 119 -2.78 -9.12 -16.24
N ARG A 120 -2.52 -8.23 -17.22
CA ARG A 120 -3.20 -6.93 -17.36
C ARG A 120 -4.68 -7.20 -17.77
N ASN A 121 -4.93 -8.37 -18.41
CA ASN A 121 -6.24 -8.82 -18.88
C ASN A 121 -6.95 -9.78 -17.90
N VAL A 122 -6.29 -10.18 -16.78
CA VAL A 122 -6.94 -11.08 -15.81
C VAL A 122 -7.94 -10.31 -14.95
N ILE A 123 -9.04 -11.00 -14.56
CA ILE A 123 -10.11 -10.44 -13.76
C ILE A 123 -9.90 -10.93 -12.33
N TYR A 124 -9.59 -10.01 -11.41
CA TYR A 124 -9.35 -10.35 -10.01
C TYR A 124 -10.65 -10.20 -9.26
N THR A 125 -11.07 -11.27 -8.57
CA THR A 125 -12.32 -11.32 -7.81
C THR A 125 -12.08 -11.53 -6.32
N ASP A 126 -10.82 -11.65 -5.89
CA ASP A 126 -10.49 -11.86 -4.48
C ASP A 126 -9.41 -10.85 -4.02
N CYS A 127 -9.84 -9.59 -3.82
CA CYS A 127 -8.99 -8.44 -3.46
C CYS A 127 -9.27 -7.94 -2.08
N TRP A 128 -8.20 -7.65 -1.35
CA TRP A 128 -8.27 -7.18 0.03
C TRP A 128 -7.36 -5.96 0.26
N VAL A 129 -7.91 -4.97 0.99
CA VAL A 129 -7.19 -3.77 1.41
C VAL A 129 -6.89 -3.93 2.90
N THR A 130 -5.64 -3.68 3.31
CA THR A 130 -5.19 -3.85 4.69
C THR A 130 -4.49 -2.61 5.25
N GLY A 131 -4.53 -2.47 6.56
CA GLY A 131 -3.89 -1.34 7.21
C GLY A 131 -4.31 -1.12 8.66
N TRP A 132 -3.57 -0.20 9.31
CA TRP A 132 -3.81 0.23 10.69
C TRP A 132 -4.55 1.59 10.70
N GLY A 133 -5.08 2.02 9.55
CA GLY A 133 -5.77 3.29 9.42
C GLY A 133 -7.08 3.40 10.18
N TYR A 134 -7.69 4.58 10.10
CA TYR A 134 -8.95 4.95 10.77
C TYR A 134 -10.09 4.05 10.31
N ARG A 135 -11.10 3.89 11.17
CA ARG A 135 -12.31 3.12 10.87
C ARG A 135 -13.41 4.04 10.34
N LYS A 136 -13.16 5.37 10.33
CA LYS A 136 -14.03 6.47 9.86
C LYS A 136 -13.18 7.74 9.79
N LEU A 137 -13.65 8.80 9.11
CA LEU A 137 -12.87 10.05 8.94
C LEU A 137 -12.28 10.64 10.21
N ARG A 138 -13.03 10.63 11.33
CA ARG A 138 -12.53 11.21 12.58
C ARG A 138 -12.36 10.05 13.55
N ASP A 139 -11.17 9.50 13.54
CA ASP A 139 -10.85 8.33 14.35
C ASP A 139 -9.37 8.39 14.74
N LYS A 140 -8.74 7.24 14.86
CA LYS A 140 -7.34 7.14 15.25
C LYS A 140 -6.78 5.87 14.65
N ILE A 141 -5.45 5.79 14.58
CA ILE A 141 -4.73 4.61 14.09
C ILE A 141 -5.16 3.42 14.97
N GLN A 142 -5.43 2.28 14.33
CA GLN A 142 -5.84 1.05 15.01
C GLN A 142 -4.63 0.22 15.46
N ASN A 143 -4.76 -0.44 16.61
CA ASN A 143 -3.69 -1.29 17.12
C ASN A 143 -3.49 -2.51 16.21
N THR A 144 -4.58 -3.22 15.92
CA THR A 144 -4.55 -4.44 15.12
C THR A 144 -4.72 -4.18 13.64
N LEU A 145 -3.84 -4.80 12.82
CA LEU A 145 -3.94 -4.70 11.35
C LEU A 145 -5.35 -5.15 10.91
N GLN A 146 -6.05 -4.30 10.16
CA GLN A 146 -7.39 -4.65 9.68
C GLN A 146 -7.35 -5.08 8.23
N LYS A 147 -8.38 -5.81 7.80
CA LYS A 147 -8.54 -6.25 6.42
C LYS A 147 -9.99 -6.06 6.00
N ALA A 148 -10.22 -5.78 4.71
CA ALA A 148 -11.55 -5.67 4.11
C ALA A 148 -11.47 -6.16 2.68
N LYS A 149 -12.42 -7.04 2.29
CA LYS A 149 -12.50 -7.56 0.92
C LYS A 149 -13.28 -6.54 0.12
N ILE A 150 -12.75 -6.10 -1.00
CA ILE A 150 -13.41 -5.06 -1.80
C ILE A 150 -13.37 -5.43 -3.28
N PRO A 151 -14.47 -5.19 -4.05
CA PRO A 151 -14.43 -5.53 -5.48
C PRO A 151 -13.72 -4.45 -6.29
N LEU A 152 -12.99 -4.86 -7.32
CA LEU A 152 -12.38 -3.92 -8.27
C LEU A 152 -13.49 -3.29 -9.11
N VAL A 153 -13.30 -2.04 -9.50
CA VAL A 153 -14.25 -1.24 -10.27
C VAL A 153 -13.58 -0.89 -11.61
N THR A 154 -14.32 -0.97 -12.74
CA THR A 154 -13.72 -0.62 -14.04
C THR A 154 -13.32 0.87 -14.03
N ASN A 155 -12.37 1.24 -14.86
CA ASN A 155 -11.92 2.62 -15.02
C ASN A 155 -13.12 3.52 -15.44
N GLU A 156 -13.98 3.01 -16.36
CA GLU A 156 -15.17 3.73 -16.84
C GLU A 156 -16.11 4.05 -15.70
N GLU A 157 -16.41 3.06 -14.85
CA GLU A 157 -17.28 3.30 -13.70
C GLU A 157 -16.61 4.25 -12.69
N CYS A 158 -15.30 4.08 -12.45
CA CYS A 158 -14.60 4.95 -11.50
C CYS A 158 -14.60 6.39 -11.95
N GLN A 159 -14.42 6.60 -13.28
CA GLN A 159 -14.45 7.95 -13.86
C GLN A 159 -15.84 8.61 -13.64
N LYS A 160 -16.95 7.83 -13.82
CA LYS A 160 -18.33 8.33 -13.57
C LYS A 160 -18.45 8.78 -12.12
N ARG A 161 -17.78 8.08 -11.19
CA ARG A 161 -17.84 8.39 -9.75
C ARG A 161 -17.05 9.60 -9.33
N TYR A 162 -16.05 9.98 -10.13
CA TYR A 162 -15.17 11.09 -9.83
C TYR A 162 -15.20 12.14 -10.91
N ARG A 163 -16.36 12.79 -11.05
CA ARG A 163 -16.54 13.89 -11.98
C ARG A 163 -15.61 15.03 -11.54
N GLY A 164 -14.88 15.58 -12.47
CA GLY A 164 -13.96 16.66 -12.12
C GLY A 164 -12.56 16.18 -11.92
N HIS A 165 -12.35 14.84 -11.84
CA HIS A 165 -11.00 14.25 -11.77
C HIS A 165 -10.73 13.56 -13.10
N LYS A 166 -9.47 13.28 -13.38
CA LYS A 166 -9.14 12.49 -14.54
C LYS A 166 -8.65 11.14 -13.97
N ILE A 167 -9.50 10.10 -14.06
CA ILE A 167 -9.14 8.75 -13.60
C ILE A 167 -8.47 8.03 -14.79
N THR A 168 -7.16 7.86 -14.70
CA THR A 168 -6.36 7.25 -15.77
C THR A 168 -6.25 5.73 -15.55
N HIS A 169 -5.73 5.01 -16.56
CA HIS A 169 -5.48 3.58 -16.48
C HIS A 169 -4.24 3.26 -15.60
N LYS A 170 -3.53 4.31 -15.13
CA LYS A 170 -2.43 4.16 -14.15
C LYS A 170 -2.99 4.13 -12.72
N MET A 171 -4.31 4.29 -12.60
CA MET A 171 -5.08 4.17 -11.34
C MET A 171 -6.01 2.96 -11.47
N ILE A 172 -6.33 2.33 -10.34
CA ILE A 172 -7.28 1.23 -10.29
C ILE A 172 -8.18 1.50 -9.09
N CYS A 173 -9.50 1.37 -9.28
CA CYS A 173 -10.44 1.66 -8.22
C CYS A 173 -11.08 0.42 -7.65
N ALA A 174 -11.48 0.54 -6.38
CA ALA A 174 -12.11 -0.58 -5.70
C ALA A 174 -13.09 -0.06 -4.64
N GLY A 175 -14.26 -0.65 -4.60
CA GLY A 175 -15.29 -0.28 -3.62
C GLY A 175 -16.65 -0.80 -4.00
N TYR A 176 -17.56 -0.89 -3.02
CA TYR A 176 -18.93 -1.32 -3.26
C TYR A 176 -19.73 -0.08 -3.66
N ARG A 177 -20.69 -0.23 -4.58
CA ARG A 177 -21.54 0.90 -4.99
C ARG A 177 -22.21 1.57 -3.79
N GLU A 178 -22.65 0.76 -2.81
CA GLU A 178 -23.33 1.29 -1.63
C GLU A 178 -22.37 1.74 -0.56
N GLY A 179 -21.05 1.65 -0.81
CA GLY A 179 -20.02 2.02 0.16
C GLY A 179 -19.95 1.03 1.30
N GLY A 180 -19.33 1.43 2.40
CA GLY A 180 -19.26 0.58 3.58
C GLY A 180 -17.91 -0.03 3.90
N LYS A 181 -17.10 -0.36 2.88
CA LYS A 181 -15.77 -0.96 3.06
C LYS A 181 -14.76 -0.21 2.23
N ASP A 182 -13.64 0.19 2.84
CA ASP A 182 -12.64 1.00 2.11
C ASP A 182 -11.43 1.22 2.99
N ALA A 183 -10.41 1.82 2.41
CA ALA A 183 -9.24 2.31 3.14
C ALA A 183 -9.68 3.65 3.73
N CYS A 184 -8.91 4.14 4.70
CA CYS A 184 -9.13 5.44 5.32
CA CYS A 184 -9.12 5.45 5.32
C CYS A 184 -7.77 5.99 5.78
N LYS A 185 -7.75 7.15 6.46
CA LYS A 185 -6.54 7.82 6.93
C LYS A 185 -5.58 6.88 7.68
N GLY A 186 -4.34 6.79 7.20
CA GLY A 186 -3.35 5.91 7.82
C GLY A 186 -3.14 4.62 7.06
N ASP A 187 -4.02 4.33 6.09
CA ASP A 187 -3.90 3.13 5.27
C ASP A 187 -3.05 3.33 4.04
N SER A 188 -2.90 4.60 3.58
CA SER A 188 -2.19 4.88 2.32
C SER A 188 -0.79 4.33 2.28
N GLY A 189 -0.40 3.89 1.09
CA GLY A 189 0.91 3.29 0.88
C GLY A 189 0.87 1.78 1.02
N GLY A 190 -0.14 1.28 1.73
CA GLY A 190 -0.31 -0.14 1.94
C GLY A 190 -0.80 -0.86 0.69
N PRO A 191 -0.89 -2.21 0.75
CA PRO A 191 -1.28 -2.96 -0.45
C PRO A 191 -2.78 -3.10 -0.68
N LEU A 192 -3.14 -3.34 -1.95
CA LEU A 192 -4.42 -3.84 -2.40
C LEU A 192 -3.95 -5.20 -2.97
N SER A 193 -4.14 -6.29 -2.18
CA SER A 193 -3.64 -7.62 -2.52
C SER A 193 -4.74 -8.49 -3.10
N CYS A 194 -4.52 -9.06 -4.30
CA CYS A 194 -5.51 -9.90 -4.99
C CYS A 194 -4.95 -11.30 -5.21
N LYS A 195 -5.72 -12.33 -4.82
CA LYS A 195 -5.31 -13.73 -4.96
C LYS A 195 -5.80 -14.28 -6.29
N HIS A 196 -4.88 -14.82 -7.10
CA HIS A 196 -5.18 -15.39 -8.40
C HIS A 196 -4.30 -16.63 -8.64
N ASN A 197 -4.93 -17.78 -8.97
CA ASN A 197 -4.27 -19.08 -9.19
C ASN A 197 -3.44 -19.45 -7.95
N GLU A 198 -4.03 -19.25 -6.76
CA GLU A 198 -3.48 -19.49 -5.41
C GLU A 198 -2.25 -18.60 -5.05
N VAL A 199 -1.95 -17.57 -5.86
CA VAL A 199 -0.82 -16.65 -5.64
C VAL A 199 -1.35 -15.22 -5.39
N TRP A 200 -0.82 -14.55 -4.36
CA TRP A 200 -1.19 -13.18 -4.07
C TRP A 200 -0.37 -12.24 -4.94
N HIS A 201 -1.01 -11.22 -5.48
CA HIS A 201 -0.33 -10.24 -6.33
C HIS A 201 -0.62 -8.85 -5.80
N LEU A 202 0.38 -7.97 -5.86
CA LEU A 202 0.24 -6.58 -5.44
C LEU A 202 -0.37 -5.80 -6.58
N VAL A 203 -1.68 -5.68 -6.56
CA VAL A 203 -2.43 -5.04 -7.64
C VAL A 203 -2.48 -3.54 -7.48
N GLY A 204 -2.61 -3.08 -6.25
CA GLY A 204 -2.72 -1.65 -6.01
C GLY A 204 -1.96 -1.15 -4.81
N ILE A 205 -1.76 0.17 -4.78
CA ILE A 205 -1.18 0.84 -3.63
C ILE A 205 -2.25 1.85 -3.18
N THR A 206 -2.72 1.74 -1.92
CA THR A 206 -3.73 2.65 -1.35
C THR A 206 -3.29 4.10 -1.53
N SER A 207 -4.12 4.91 -2.23
CA SER A 207 -3.73 6.27 -2.60
C SER A 207 -4.70 7.32 -2.09
N TRP A 208 -5.93 7.39 -2.66
CA TRP A 208 -6.85 8.46 -2.24
C TRP A 208 -8.32 8.10 -2.48
N GLY A 209 -9.21 8.90 -1.94
CA GLY A 209 -10.66 8.75 -2.11
C GLY A 209 -11.36 10.02 -1.64
N GLU A 210 -12.64 10.22 -2.02
CA GLU A 210 -13.38 11.37 -1.49
C GLU A 210 -14.10 10.82 -0.25
N GLY A 211 -13.57 11.14 0.92
CA GLY A 211 -14.06 10.60 2.20
C GLY A 211 -13.68 9.14 2.28
N CYS A 212 -14.30 8.35 3.17
CA CYS A 212 -13.98 6.94 3.33
CA CYS A 212 -13.97 6.94 3.21
C CYS A 212 -15.22 6.10 3.22
N ALA A 213 -15.19 5.05 2.40
CA ALA A 213 -16.29 4.09 2.23
C ALA A 213 -17.62 4.73 1.90
N GLN A 214 -17.61 5.90 1.24
CA GLN A 214 -18.89 6.53 0.91
C GLN A 214 -19.52 5.81 -0.28
N ARG A 215 -20.83 5.83 -0.33
CA ARG A 215 -21.60 5.26 -1.43
C ARG A 215 -21.10 5.94 -2.73
N GLU A 216 -20.86 5.15 -3.78
CA GLU A 216 -20.43 5.62 -5.11
C GLU A 216 -19.12 6.44 -5.12
N ARG A 217 -18.25 6.20 -4.14
CA ARG A 217 -16.91 6.83 -4.07
C ARG A 217 -15.90 5.72 -3.85
N PRO A 218 -15.52 4.99 -4.90
CA PRO A 218 -14.54 3.90 -4.69
C PRO A 218 -13.18 4.45 -4.28
N GLY A 219 -12.41 3.63 -3.58
CA GLY A 219 -11.05 3.98 -3.20
C GLY A 219 -10.22 3.98 -4.48
N VAL A 220 -9.24 4.88 -4.59
CA VAL A 220 -8.36 5.00 -5.77
C VAL A 220 -6.98 4.52 -5.37
N TYR A 221 -6.45 3.59 -6.17
CA TYR A 221 -5.19 2.94 -5.93
C TYR A 221 -4.27 3.13 -7.09
N THR A 222 -2.96 3.18 -6.82
CA THR A 222 -1.96 3.17 -7.89
C THR A 222 -2.06 1.77 -8.55
N ASN A 223 -2.22 1.72 -9.88
CA ASN A 223 -2.37 0.47 -10.62
C ASN A 223 -0.97 -0.10 -10.86
N VAL A 224 -0.51 -0.98 -9.94
CA VAL A 224 0.87 -1.49 -9.90
C VAL A 224 1.34 -2.13 -11.24
N VAL A 225 0.48 -2.88 -11.94
CA VAL A 225 0.85 -3.51 -13.22
C VAL A 225 1.46 -2.47 -14.20
N GLU A 226 0.94 -1.21 -14.19
CA GLU A 226 1.41 -0.12 -15.06
C GLU A 226 2.76 0.45 -14.66
N TYR A 227 3.31 0.02 -13.51
CA TYR A 227 4.60 0.50 -13.02
C TYR A 227 5.65 -0.59 -12.85
N VAL A 228 5.38 -1.84 -13.32
CA VAL A 228 6.34 -2.94 -13.19
C VAL A 228 7.68 -2.58 -13.84
N ASP A 229 7.68 -1.96 -15.05
CA ASP A 229 8.96 -1.56 -15.68
C ASP A 229 9.70 -0.51 -14.86
N TRP A 230 8.96 0.48 -14.31
CA TRP A 230 9.58 1.51 -13.46
C TRP A 230 10.17 0.86 -12.21
N ILE A 231 9.45 -0.11 -11.58
CA ILE A 231 9.95 -0.77 -10.35
C ILE A 231 11.27 -1.53 -10.68
N LEU A 232 11.25 -2.30 -11.79
CA LEU A 232 12.45 -3.04 -12.24
C LEU A 232 13.57 -2.11 -12.60
N GLU A 233 13.26 -0.94 -13.23
CA GLU A 233 14.31 0.06 -13.51
C GLU A 233 15.04 0.47 -12.24
N LYS A 234 14.29 0.74 -11.18
CA LYS A 234 14.86 1.22 -9.91
C LYS A 234 15.49 0.12 -9.06
N THR A 235 14.90 -1.10 -9.03
CA THR A 235 15.42 -2.20 -8.18
C THR A 235 16.49 -3.07 -8.87
N GLN A 236 16.49 -3.11 -10.22
CA GLN A 236 17.43 -3.93 -11.00
C GLN A 236 18.51 -3.08 -11.69
N ALA A 237 18.75 -1.85 -11.19
CA ALA A 237 19.74 -0.94 -11.77
C ALA A 237 21.13 -1.59 -11.71
N VAL A 238 21.88 -1.53 -12.82
CA VAL A 238 23.21 -2.16 -12.92
C VAL A 238 24.29 -1.38 -12.15
N CYS B 11 7.37 -15.94 -7.87
CA CYS B 11 6.79 -14.89 -8.71
C CYS B 11 7.40 -14.92 -10.11
N THR B 12 6.56 -14.65 -11.14
CA THR B 12 6.99 -14.54 -12.55
C THR B 12 7.91 -13.31 -12.66
N THR B 13 7.47 -12.14 -12.14
CA THR B 13 8.26 -10.91 -12.08
C THR B 13 9.27 -11.10 -10.94
N LYS B 14 10.57 -11.06 -11.24
CA LYS B 14 11.61 -11.32 -10.24
C LYS B 14 12.40 -10.08 -9.83
N ILE B 15 12.61 -9.92 -8.51
CA ILE B 15 13.38 -8.83 -7.90
C ILE B 15 14.70 -9.42 -7.35
N LYS B 16 15.85 -8.86 -7.77
CA LYS B 16 17.18 -9.29 -7.34
C LYS B 16 17.45 -8.91 -5.88
#